data_5NRD
#
_entry.id   5NRD
#
_cell.length_a   133.414
_cell.length_b   65.694
_cell.length_c   83.014
_cell.angle_alpha   90.00
_cell.angle_beta   102.89
_cell.angle_gamma   90.00
#
_symmetry.space_group_name_H-M   'C 1 2 1'
#
loop_
_entity.id
_entity.type
_entity.pdbx_description
1 polymer 'N-acetyllactosaminide alpha-1,3-galactosyltransferase'
2 branched beta-D-galactopyranose-(1-4)-beta-D-glucopyranose
3 non-polymer 'COBALT (II) ION'
4 non-polymer "GALACTOSE-URIDINE-5'-DIPHOSPHATE"
5 non-polymer GLYCEROL
6 water water
#
_entity_poly.entity_id   1
_entity_poly.type   'polypeptide(L)'
_entity_poly.pdbx_seq_one_letter_code
;GSMESKLKLSDWFNPFKRPEVVTMTKWKAPVVWEGTYNRAVLDNYYAKQKITVGLTVFAVGRYIEHYLEEFLTSANKHFM
VGHPVIFYIMVDDVSRMPLIELGPLRSFKVFKIKPEKRWQDISMMRMKTIGEHIVAHIQHEVDFLFCMDVDQVFQDKFGV
ETLGESVAQLQAWWYKADPNDFTYERRKESAAYIPFGEGDFYYHAAIFGGTPTQVLNITQECFKGILKDKKNDIEAQWHD
ESHLNKYFLLNKPTKILSPEYCWDYHIGLPADIKLVKMSWQTKEYNVVRNNV
;
_entity_poly.pdbx_strand_id   A,B
#
# COMPACT_ATOMS: atom_id res chain seq x y z
N LYS A 6 -19.38 -0.29 8.45
CA LYS A 6 -19.02 -1.54 7.79
C LYS A 6 -17.50 -1.72 7.76
N LEU A 7 -17.03 -2.56 6.84
CA LEU A 7 -15.60 -2.85 6.76
C LEU A 7 -14.85 -1.73 6.08
N LYS A 8 -13.70 -1.37 6.65
CA LYS A 8 -12.80 -0.39 6.06
C LYS A 8 -11.40 -0.98 6.00
N LEU A 9 -10.62 -0.52 5.04
CA LEU A 9 -9.32 -1.12 4.76
C LEU A 9 -8.46 -1.22 6.02
N SER A 10 -8.50 -0.18 6.86
CA SER A 10 -7.68 -0.19 8.08
C SER A 10 -7.97 -1.41 8.95
N ASP A 11 -9.20 -1.93 8.91
CA ASP A 11 -9.60 -2.98 9.85
C ASP A 11 -8.79 -4.25 9.68
N TRP A 12 -8.31 -4.54 8.47
CA TRP A 12 -7.70 -5.83 8.16
C TRP A 12 -6.39 -5.74 7.41
N PHE A 13 -6.05 -4.60 6.83
CA PHE A 13 -4.89 -4.48 5.96
C PHE A 13 -3.92 -3.45 6.54
N ASN A 14 -2.65 -3.84 6.66
CA ASN A 14 -1.60 -2.92 7.11
C ASN A 14 -0.47 -2.98 6.10
N PRO A 15 -0.42 -2.04 5.13
CA PRO A 15 0.64 -2.08 4.12
C PRO A 15 2.04 -1.89 4.69
N PHE A 16 2.16 -1.22 5.84
CA PHE A 16 3.46 -0.91 6.40
C PHE A 16 4.19 -2.14 6.95
N LYS A 17 3.50 -3.27 7.08
CA LYS A 17 4.17 -4.49 7.55
C LYS A 17 5.07 -5.11 6.50
N ARG A 18 4.89 -4.76 5.22
CA ARG A 18 5.72 -5.25 4.12
C ARG A 18 6.27 -4.05 3.36
N PRO A 19 7.20 -3.31 3.96
CA PRO A 19 7.62 -2.03 3.37
C PRO A 19 8.43 -2.20 2.09
N GLU A 20 9.00 -3.38 1.84
CA GLU A 20 9.92 -3.56 0.72
C GLU A 20 9.22 -3.89 -0.59
N VAL A 21 7.89 -3.98 -0.61
CA VAL A 21 7.14 -4.35 -1.80
C VAL A 21 6.01 -3.35 -2.00
N VAL A 22 5.41 -3.42 -3.19
CA VAL A 22 4.25 -2.59 -3.50
C VAL A 22 3.03 -3.19 -2.80
N THR A 23 2.38 -2.39 -1.97
CA THR A 23 1.21 -2.83 -1.21
C THR A 23 -0.03 -2.01 -1.48
N MET A 24 0.08 -0.88 -2.18
CA MET A 24 -1.07 -0.05 -2.52
C MET A 24 -0.88 0.49 -3.93
N THR A 25 -2.00 0.65 -4.63
CA THR A 25 -2.00 1.22 -5.97
C THR A 25 -2.44 2.68 -5.91
N LYS A 26 -2.25 3.38 -7.03
CA LYS A 26 -2.70 4.77 -7.10
C LYS A 26 -4.21 4.90 -7.14
N TRP A 27 -4.94 3.82 -7.40
CA TRP A 27 -6.40 3.82 -7.35
C TRP A 27 -6.95 3.20 -6.08
N LYS A 28 -6.13 3.10 -5.04
CA LYS A 28 -6.56 2.76 -3.68
C LYS A 28 -6.81 1.27 -3.48
N ALA A 29 -6.33 0.41 -4.38
CA ALA A 29 -6.50 -1.02 -4.19
C ALA A 29 -5.33 -1.61 -3.41
N PRO A 30 -5.56 -2.53 -2.48
CA PRO A 30 -4.44 -3.18 -1.80
C PRO A 30 -3.84 -4.28 -2.65
N VAL A 31 -2.52 -4.43 -2.50
CA VAL A 31 -1.80 -5.59 -3.03
C VAL A 31 -1.52 -6.48 -1.83
N VAL A 32 -2.16 -7.65 -1.79
CA VAL A 32 -2.18 -8.47 -0.58
C VAL A 32 -0.90 -9.29 -0.52
N TRP A 33 -0.05 -8.99 0.46
CA TRP A 33 1.17 -9.74 0.72
C TRP A 33 1.06 -10.41 2.07
N GLU A 34 1.77 -11.53 2.23
CA GLU A 34 1.86 -12.18 3.53
C GLU A 34 2.37 -11.20 4.58
N GLY A 35 1.64 -11.12 5.69
CA GLY A 35 1.98 -10.21 6.77
C GLY A 35 1.18 -8.93 6.79
N THR A 36 0.53 -8.57 5.69
CA THR A 36 -0.23 -7.33 5.61
C THR A 36 -1.69 -7.50 6.04
N TYR A 37 -2.19 -8.73 6.14
CA TYR A 37 -3.61 -8.97 6.27
C TYR A 37 -3.92 -9.66 7.59
N ASN A 38 -5.09 -9.35 8.13
CA ASN A 38 -5.61 -9.98 9.36
C ASN A 38 -6.78 -10.88 8.94
N ARG A 39 -6.48 -12.16 8.74
CA ARG A 39 -7.51 -13.08 8.25
C ARG A 39 -8.61 -13.29 9.27
N ALA A 40 -8.27 -13.29 10.56
CA ALA A 40 -9.26 -13.55 11.59
C ALA A 40 -10.35 -12.48 11.58
N VAL A 41 -9.97 -11.21 11.39
CA VAL A 41 -10.97 -10.15 11.26
C VAL A 41 -11.89 -10.41 10.08
N LEU A 42 -11.32 -10.89 8.97
CA LEU A 42 -12.12 -11.11 7.77
C LEU A 42 -12.95 -12.38 7.86
N ASP A 43 -12.35 -13.47 8.37
CA ASP A 43 -13.13 -14.68 8.62
C ASP A 43 -14.39 -14.36 9.42
N ASN A 44 -14.24 -13.60 10.50
N ASN A 44 -14.24 -13.58 10.49
CA ASN A 44 -15.40 -13.20 11.29
CA ASN A 44 -15.40 -13.21 11.29
C ASN A 44 -16.34 -12.32 10.47
C ASN A 44 -16.33 -12.28 10.52
N TYR A 45 -15.77 -11.34 9.75
CA TYR A 45 -16.60 -10.43 8.97
C TYR A 45 -17.45 -11.20 7.97
N TYR A 46 -16.85 -12.11 7.21
CA TYR A 46 -17.56 -12.80 6.15
C TYR A 46 -18.47 -13.90 6.68
N ALA A 47 -18.12 -14.52 7.81
CA ALA A 47 -19.00 -15.52 8.40
C ALA A 47 -20.34 -14.90 8.83
N LYS A 48 -20.29 -13.72 9.45
CA LYS A 48 -21.52 -13.01 9.79
C LYS A 48 -22.40 -12.84 8.55
N GLN A 49 -21.77 -12.59 7.40
CA GLN A 49 -22.51 -12.39 6.17
C GLN A 49 -22.98 -13.70 5.55
N LYS A 50 -22.44 -14.83 5.99
CA LYS A 50 -22.83 -16.14 5.48
C LYS A 50 -22.56 -16.21 3.96
N ILE A 51 -21.29 -16.07 3.62
CA ILE A 51 -20.87 -16.08 2.22
C ILE A 51 -20.60 -17.51 1.77
N THR A 52 -20.73 -17.72 0.47
CA THR A 52 -20.25 -18.92 -0.21
C THR A 52 -19.32 -18.48 -1.33
N VAL A 53 -18.23 -19.22 -1.52
CA VAL A 53 -17.23 -18.88 -2.52
C VAL A 53 -17.20 -19.98 -3.57
N GLY A 54 -17.24 -19.58 -4.84
CA GLY A 54 -17.14 -20.51 -5.94
C GLY A 54 -15.75 -20.55 -6.56
N LEU A 55 -15.44 -21.66 -7.22
CA LEU A 55 -14.14 -21.83 -7.89
C LEU A 55 -14.38 -22.65 -9.15
N THR A 56 -14.14 -22.03 -10.31
CA THR A 56 -14.24 -22.73 -11.59
C THR A 56 -12.87 -23.23 -12.00
N VAL A 57 -12.83 -24.41 -12.64
CA VAL A 57 -11.61 -24.97 -13.19
C VAL A 57 -11.96 -25.79 -14.42
N PHE A 58 -11.15 -25.65 -15.46
CA PHE A 58 -11.31 -26.40 -16.70
C PHE A 58 -10.23 -27.46 -16.79
N ALA A 59 -10.58 -28.61 -17.36
CA ALA A 59 -9.63 -29.69 -17.60
C ALA A 59 -10.05 -30.41 -18.88
N VAL A 60 -9.29 -30.22 -19.96
CA VAL A 60 -9.65 -30.73 -21.27
C VAL A 60 -8.48 -31.54 -21.81
N GLY A 61 -8.76 -32.79 -22.22
CA GLY A 61 -7.74 -33.65 -22.78
C GLY A 61 -6.81 -34.29 -21.76
N ARG A 62 -5.50 -34.25 -22.05
CA ARG A 62 -4.54 -34.89 -21.15
C ARG A 62 -4.49 -34.23 -19.78
N TYR A 63 -4.81 -32.93 -19.72
CA TYR A 63 -4.83 -32.21 -18.45
C TYR A 63 -5.80 -32.83 -17.44
N ILE A 64 -6.79 -33.59 -17.92
CA ILE A 64 -8.00 -33.85 -17.14
C ILE A 64 -7.68 -34.58 -15.84
N GLU A 65 -6.84 -35.62 -15.92
CA GLU A 65 -6.72 -36.56 -14.80
C GLU A 65 -5.70 -36.08 -13.76
N HIS A 66 -4.42 -36.04 -14.15
CA HIS A 66 -3.36 -35.77 -13.18
C HIS A 66 -3.53 -34.41 -12.52
N TYR A 67 -3.50 -33.34 -13.32
CA TYR A 67 -3.58 -32.00 -12.76
C TYR A 67 -4.83 -31.83 -11.90
N LEU A 68 -5.98 -32.29 -12.39
CA LEU A 68 -7.25 -32.04 -11.72
C LEU A 68 -7.26 -32.63 -10.31
N GLU A 69 -6.79 -33.87 -10.16
CA GLU A 69 -6.75 -34.48 -8.83
C GLU A 69 -5.91 -33.66 -7.87
N GLU A 70 -4.71 -33.25 -8.31
CA GLU A 70 -3.85 -32.45 -7.44
C GLU A 70 -4.46 -31.08 -7.17
N PHE A 71 -5.05 -30.46 -8.20
CA PHE A 71 -5.71 -29.18 -7.97
C PHE A 71 -6.83 -29.32 -6.94
N LEU A 72 -7.74 -30.28 -7.15
CA LEU A 72 -8.90 -30.40 -6.28
C LEU A 72 -8.51 -30.85 -4.88
N THR A 73 -7.59 -31.82 -4.77
CA THR A 73 -7.12 -32.23 -3.46
C THR A 73 -6.54 -31.04 -2.68
N SER A 74 -5.67 -30.27 -3.34
CA SER A 74 -5.08 -29.11 -2.67
C SER A 74 -6.12 -28.04 -2.41
N ALA A 75 -7.08 -27.86 -3.33
CA ALA A 75 -8.12 -26.85 -3.14
C ALA A 75 -8.95 -27.16 -1.90
N ASN A 76 -9.42 -28.40 -1.78
CA ASN A 76 -10.22 -28.79 -0.62
C ASN A 76 -9.45 -28.56 0.67
N LYS A 77 -8.13 -28.68 0.63
CA LYS A 77 -7.29 -28.54 1.81
C LYS A 77 -7.04 -27.09 2.20
N HIS A 78 -6.96 -26.17 1.23
CA HIS A 78 -6.44 -24.84 1.48
C HIS A 78 -7.38 -23.68 1.10
N PHE A 79 -8.38 -23.91 0.25
CA PHE A 79 -9.15 -22.81 -0.35
C PHE A 79 -10.33 -22.44 0.53
N MET A 80 -10.26 -21.26 1.16
CA MET A 80 -11.39 -20.67 1.87
C MET A 80 -11.92 -21.57 3.00
N VAL A 81 -11.02 -22.29 3.68
CA VAL A 81 -11.44 -23.14 4.77
C VAL A 81 -12.10 -22.30 5.84
N GLY A 82 -13.18 -22.83 6.43
CA GLY A 82 -14.02 -22.10 7.33
C GLY A 82 -15.28 -21.54 6.70
N HIS A 83 -15.43 -21.67 5.40
CA HIS A 83 -16.56 -21.09 4.68
C HIS A 83 -17.04 -22.07 3.63
N PRO A 84 -18.33 -22.05 3.29
CA PRO A 84 -18.83 -22.94 2.23
C PRO A 84 -18.21 -22.62 0.89
N VAL A 85 -17.94 -23.67 0.11
CA VAL A 85 -17.32 -23.54 -1.20
C VAL A 85 -18.00 -24.50 -2.15
N ILE A 86 -18.19 -24.05 -3.39
CA ILE A 86 -18.67 -24.91 -4.48
C ILE A 86 -17.59 -24.94 -5.55
N PHE A 87 -17.14 -26.15 -5.89
CA PHE A 87 -16.19 -26.33 -6.98
C PHE A 87 -16.96 -26.61 -8.27
N TYR A 88 -16.76 -25.75 -9.27
CA TYR A 88 -17.37 -25.94 -10.59
C TYR A 88 -16.32 -26.50 -11.54
N ILE A 89 -16.55 -27.70 -12.05
CA ILE A 89 -15.57 -28.43 -12.85
C ILE A 89 -16.10 -28.57 -14.27
N MET A 90 -15.30 -28.13 -15.24
CA MET A 90 -15.63 -28.21 -16.65
C MET A 90 -14.68 -29.20 -17.31
N VAL A 91 -15.23 -30.25 -17.92
CA VAL A 91 -14.43 -31.30 -18.54
C VAL A 91 -15.01 -31.63 -19.90
N ASP A 92 -14.17 -32.23 -20.75
CA ASP A 92 -14.59 -32.67 -22.08
C ASP A 92 -15.07 -34.13 -22.07
N ASP A 93 -14.53 -34.96 -21.18
CA ASP A 93 -15.00 -36.34 -20.99
C ASP A 93 -15.21 -36.54 -19.49
N VAL A 94 -16.49 -36.63 -19.09
CA VAL A 94 -16.81 -36.69 -17.67
C VAL A 94 -16.27 -37.96 -17.03
N SER A 95 -16.24 -39.06 -17.78
CA SER A 95 -15.81 -40.34 -17.23
C SER A 95 -14.38 -40.28 -16.68
N ARG A 96 -13.55 -39.37 -17.18
CA ARG A 96 -12.18 -39.23 -16.68
C ARG A 96 -12.09 -38.34 -15.45
N MET A 97 -13.20 -37.74 -15.02
CA MET A 97 -13.18 -36.90 -13.83
C MET A 97 -12.81 -37.76 -12.62
N PRO A 98 -11.82 -37.35 -11.82
CA PRO A 98 -11.40 -38.16 -10.68
C PRO A 98 -12.28 -37.96 -9.45
N LEU A 99 -12.28 -38.97 -8.60
CA LEU A 99 -13.05 -38.95 -7.37
C LEU A 99 -12.20 -38.33 -6.25
N ILE A 100 -12.68 -37.23 -5.69
CA ILE A 100 -11.98 -36.50 -4.64
C ILE A 100 -12.94 -36.31 -3.48
N GLU A 101 -12.59 -36.87 -2.33
CA GLU A 101 -13.39 -36.66 -1.13
C GLU A 101 -13.26 -35.21 -0.68
N LEU A 102 -14.39 -34.59 -0.36
CA LEU A 102 -14.45 -33.19 -0.02
C LEU A 102 -14.77 -33.02 1.47
N GLY A 103 -14.21 -31.97 2.06
CA GLY A 103 -14.40 -31.71 3.46
C GLY A 103 -15.73 -31.02 3.73
N PRO A 104 -16.00 -30.79 5.01
CA PRO A 104 -17.25 -30.12 5.39
C PRO A 104 -17.44 -28.80 4.66
N LEU A 105 -18.68 -28.55 4.27
CA LEU A 105 -19.11 -27.32 3.60
C LEU A 105 -18.57 -27.19 2.19
N ARG A 106 -17.97 -28.24 1.64
CA ARG A 106 -17.53 -28.26 0.25
C ARG A 106 -18.41 -29.21 -0.55
N SER A 107 -18.75 -28.79 -1.77
CA SER A 107 -19.45 -29.63 -2.73
C SER A 107 -18.98 -29.24 -4.12
N PHE A 108 -19.47 -29.93 -5.14
CA PHE A 108 -19.04 -29.63 -6.50
C PHE A 108 -20.16 -29.88 -7.48
N LYS A 109 -19.96 -29.34 -8.69
CA LYS A 109 -20.81 -29.60 -9.84
C LYS A 109 -19.90 -29.81 -11.03
N VAL A 110 -20.27 -30.75 -11.90
CA VAL A 110 -19.45 -31.12 -13.05
C VAL A 110 -20.26 -30.86 -14.32
N PHE A 111 -19.59 -30.30 -15.33
CA PHE A 111 -20.22 -29.99 -16.60
C PHE A 111 -19.37 -30.50 -17.74
N LYS A 112 -20.02 -31.09 -18.73
CA LYS A 112 -19.34 -31.55 -19.94
C LYS A 112 -19.33 -30.42 -20.97
N ILE A 113 -18.14 -30.09 -21.47
CA ILE A 113 -17.97 -29.05 -22.47
C ILE A 113 -17.41 -29.67 -23.73
N LYS A 114 -17.73 -29.05 -24.86
CA LYS A 114 -17.17 -29.47 -26.14
C LYS A 114 -15.72 -29.00 -26.22
N PRO A 115 -14.74 -29.90 -26.32
CA PRO A 115 -13.35 -29.44 -26.40
C PRO A 115 -13.05 -28.78 -27.74
N GLU A 116 -12.30 -27.69 -27.69
CA GLU A 116 -11.95 -26.96 -28.89
C GLU A 116 -10.69 -27.56 -29.52
N LYS A 117 -10.51 -27.26 -30.82
CA LYS A 117 -9.44 -27.90 -31.58
C LYS A 117 -8.07 -27.35 -31.17
N ARG A 118 -7.92 -26.04 -31.16
CA ARG A 118 -6.64 -25.41 -30.85
C ARG A 118 -6.52 -25.21 -29.35
N TRP A 119 -5.35 -25.54 -28.80
CA TRP A 119 -5.09 -25.30 -27.38
C TRP A 119 -5.35 -23.85 -27.00
N GLN A 120 -5.23 -22.92 -27.95
CA GLN A 120 -5.45 -21.51 -27.65
C GLN A 120 -6.92 -21.18 -27.55
N ASP A 121 -7.76 -21.81 -28.38
CA ASP A 121 -9.21 -21.61 -28.26
C ASP A 121 -9.77 -22.32 -27.04
N ILE A 122 -9.21 -23.47 -26.68
CA ILE A 122 -9.60 -24.12 -25.43
C ILE A 122 -9.48 -23.14 -24.27
N SER A 123 -8.35 -22.41 -24.22
CA SER A 123 -8.13 -21.46 -23.13
C SER A 123 -9.03 -20.25 -23.27
N MET A 124 -9.16 -19.71 -24.50
CA MET A 124 -9.94 -18.50 -24.69
C MET A 124 -11.44 -18.75 -24.54
N MET A 125 -11.91 -19.95 -24.90
CA MET A 125 -13.34 -20.24 -24.79
C MET A 125 -13.80 -20.32 -23.34
N ARG A 126 -12.86 -20.48 -22.39
CA ARG A 126 -13.24 -20.42 -20.99
C ARG A 126 -14.06 -19.17 -20.68
N MET A 127 -13.71 -18.04 -21.30
CA MET A 127 -14.38 -16.78 -21.00
C MET A 127 -15.86 -16.85 -21.34
N LYS A 128 -16.20 -17.41 -22.51
CA LYS A 128 -17.61 -17.56 -22.87
C LYS A 128 -18.31 -18.51 -21.91
N THR A 129 -17.70 -19.66 -21.63
CA THR A 129 -18.34 -20.68 -20.82
C THR A 129 -18.59 -20.19 -19.40
N ILE A 130 -17.60 -19.53 -18.81
CA ILE A 130 -17.77 -19.00 -17.46
C ILE A 130 -18.96 -18.05 -17.40
N GLY A 131 -19.04 -17.11 -18.35
CA GLY A 131 -20.16 -16.18 -18.36
C GLY A 131 -21.50 -16.88 -18.45
N GLU A 132 -21.60 -17.89 -19.30
CA GLU A 132 -22.86 -18.62 -19.45
C GLU A 132 -23.28 -19.26 -18.13
N HIS A 133 -22.33 -19.82 -17.38
CA HIS A 133 -22.68 -20.47 -16.12
C HIS A 133 -22.94 -19.46 -15.01
N ILE A 134 -22.33 -18.27 -15.08
CA ILE A 134 -22.65 -17.21 -14.12
C ILE A 134 -24.12 -16.84 -14.24
N VAL A 135 -24.60 -16.64 -15.46
CA VAL A 135 -25.99 -16.25 -15.66
C VAL A 135 -26.92 -17.40 -15.30
N ALA A 136 -26.54 -18.63 -15.65
CA ALA A 136 -27.44 -19.76 -15.46
C ALA A 136 -27.64 -20.10 -13.99
N HIS A 137 -26.58 -20.06 -13.19
CA HIS A 137 -26.73 -20.50 -11.80
C HIS A 137 -25.74 -19.90 -10.80
N ILE A 138 -24.49 -19.65 -11.21
CA ILE A 138 -23.48 -19.27 -10.22
C ILE A 138 -23.85 -17.95 -9.54
N GLN A 139 -24.44 -17.02 -10.29
CA GLN A 139 -24.86 -15.75 -9.68
C GLN A 139 -25.81 -15.97 -8.51
N HIS A 140 -26.53 -17.08 -8.49
CA HIS A 140 -27.44 -17.40 -7.41
C HIS A 140 -26.81 -18.28 -6.33
N GLU A 141 -25.64 -18.86 -6.59
CA GLU A 141 -25.06 -19.87 -5.71
C GLU A 141 -23.90 -19.34 -4.86
N VAL A 142 -23.25 -18.24 -5.25
CA VAL A 142 -22.09 -17.77 -4.53
C VAL A 142 -22.08 -16.24 -4.47
N ASP A 143 -21.33 -15.73 -3.50
CA ASP A 143 -21.11 -14.30 -3.34
C ASP A 143 -19.81 -13.84 -3.98
N PHE A 144 -18.81 -14.72 -4.05
CA PHE A 144 -17.56 -14.42 -4.73
C PHE A 144 -17.17 -15.64 -5.56
N LEU A 145 -16.41 -15.38 -6.62
CA LEU A 145 -16.06 -16.43 -7.57
C LEU A 145 -14.61 -16.26 -8.00
N PHE A 146 -13.88 -17.37 -8.05
CA PHE A 146 -12.54 -17.41 -8.61
C PHE A 146 -12.51 -18.36 -9.80
N CYS A 147 -11.70 -18.00 -10.80
CA CYS A 147 -11.52 -18.79 -12.00
C CYS A 147 -10.02 -19.07 -12.14
N MET A 148 -9.67 -20.35 -12.23
CA MET A 148 -8.27 -20.75 -12.12
C MET A 148 -7.89 -21.76 -13.20
N ASP A 149 -6.63 -21.69 -13.61
CA ASP A 149 -6.01 -22.77 -14.36
C ASP A 149 -5.91 -24.01 -13.48
N VAL A 150 -6.00 -25.17 -14.13
CA VAL A 150 -5.91 -26.43 -13.38
C VAL A 150 -4.47 -26.84 -13.11
N ASP A 151 -3.51 -26.31 -13.86
CA ASP A 151 -2.11 -26.74 -13.74
C ASP A 151 -1.40 -25.92 -12.64
N GLN A 152 -1.97 -25.97 -11.44
CA GLN A 152 -1.36 -25.37 -10.27
C GLN A 152 -1.89 -26.09 -9.04
N VAL A 153 -1.26 -25.82 -7.90
CA VAL A 153 -1.53 -26.55 -6.66
C VAL A 153 -1.48 -25.57 -5.49
N PHE A 154 -2.49 -25.62 -4.63
CA PHE A 154 -2.46 -24.85 -3.40
C PHE A 154 -1.40 -25.41 -2.46
N GLN A 155 -0.65 -24.52 -1.81
CA GLN A 155 0.37 -24.91 -0.85
C GLN A 155 0.09 -24.46 0.57
N ASP A 156 -0.68 -23.39 0.76
CA ASP A 156 -1.04 -22.92 2.08
C ASP A 156 -2.38 -22.23 2.00
N LYS A 157 -2.83 -21.70 3.14
CA LYS A 157 -4.15 -21.09 3.23
C LYS A 157 -4.35 -20.02 2.17
N PHE A 158 -5.36 -20.24 1.33
CA PHE A 158 -5.81 -19.29 0.31
C PHE A 158 -7.20 -18.86 0.78
N GLY A 159 -7.25 -17.82 1.60
CA GLY A 159 -8.45 -17.50 2.35
C GLY A 159 -9.14 -16.21 1.99
N VAL A 160 -10.03 -15.75 2.88
CA VAL A 160 -10.91 -14.63 2.57
C VAL A 160 -10.17 -13.31 2.42
N GLU A 161 -8.85 -13.27 2.68
CA GLU A 161 -8.10 -12.05 2.42
C GLU A 161 -8.01 -11.74 0.93
N THR A 162 -8.26 -12.73 0.07
CA THR A 162 -8.22 -12.56 -1.37
C THR A 162 -9.54 -12.07 -1.96
N LEU A 163 -10.61 -11.97 -1.16
CA LEU A 163 -11.92 -11.64 -1.68
C LEU A 163 -12.07 -10.17 -1.98
N GLY A 164 -12.85 -9.86 -3.01
CA GLY A 164 -13.15 -8.49 -3.35
C GLY A 164 -14.01 -8.43 -4.59
N GLU A 165 -14.37 -7.21 -4.96
CA GLU A 165 -15.24 -7.00 -6.12
C GLU A 165 -14.60 -7.53 -7.40
N SER A 166 -13.33 -7.19 -7.63
CA SER A 166 -12.58 -7.70 -8.77
C SER A 166 -11.15 -7.93 -8.32
N VAL A 167 -10.65 -9.15 -8.52
CA VAL A 167 -9.38 -9.58 -7.96
C VAL A 167 -8.47 -10.00 -9.10
N ALA A 168 -7.24 -9.47 -9.11
CA ALA A 168 -6.26 -9.78 -10.13
C ALA A 168 -5.02 -10.37 -9.49
N GLN A 169 -4.26 -11.14 -10.27
CA GLN A 169 -3.07 -11.84 -9.79
C GLN A 169 -1.84 -11.27 -10.49
N LEU A 170 -0.85 -10.88 -9.71
CA LEU A 170 0.43 -10.45 -10.28
C LEU A 170 1.20 -11.66 -10.79
N GLN A 171 1.63 -11.60 -12.04
CA GLN A 171 2.38 -12.69 -12.62
C GLN A 171 3.78 -12.73 -12.01
N ALA A 172 4.20 -13.92 -11.57
CA ALA A 172 5.39 -14.03 -10.73
C ALA A 172 6.65 -13.54 -11.44
N TRP A 173 6.73 -13.74 -12.76
CA TRP A 173 7.95 -13.40 -13.49
C TRP A 173 8.11 -11.92 -13.77
N TRP A 174 7.08 -11.10 -13.52
CA TRP A 174 7.08 -9.72 -14.00
C TRP A 174 6.71 -8.69 -12.92
N TYR A 175 6.59 -9.08 -11.65
CA TYR A 175 6.01 -8.16 -10.68
C TYR A 175 6.94 -7.02 -10.33
N LYS A 176 8.24 -7.14 -10.60
CA LYS A 176 9.19 -6.05 -10.41
C LYS A 176 9.74 -5.51 -11.73
N ALA A 177 9.15 -5.89 -12.85
CA ALA A 177 9.66 -5.51 -14.16
C ALA A 177 9.17 -4.12 -14.55
N ASP A 178 9.82 -3.54 -15.55
CA ASP A 178 9.38 -2.26 -16.09
C ASP A 178 8.22 -2.48 -17.05
N PRO A 179 7.17 -1.64 -16.99
CA PRO A 179 6.02 -1.87 -17.87
C PRO A 179 6.34 -1.97 -19.34
N ASN A 180 7.36 -1.25 -19.82
CA ASN A 180 7.74 -1.38 -21.22
C ASN A 180 8.23 -2.79 -21.54
N ASP A 181 8.60 -3.57 -20.53
CA ASP A 181 9.01 -4.95 -20.71
C ASP A 181 7.85 -5.94 -20.58
N PHE A 182 6.68 -5.48 -20.12
CA PHE A 182 5.52 -6.37 -20.05
C PHE A 182 5.23 -6.94 -21.43
N THR A 183 4.83 -8.21 -21.46
CA THR A 183 4.45 -8.87 -22.70
C THR A 183 3.00 -8.60 -23.09
N TYR A 184 2.54 -7.35 -22.97
CA TYR A 184 1.23 -6.99 -23.49
C TYR A 184 1.18 -7.25 -25.00
N GLU A 185 -0.05 -7.32 -25.51
CA GLU A 185 -0.25 -7.27 -26.96
C GLU A 185 0.06 -5.86 -27.45
N ARG A 186 0.95 -5.76 -28.44
CA ARG A 186 1.49 -4.47 -28.87
C ARG A 186 1.04 -4.05 -30.26
N ARG A 187 0.25 -4.87 -30.95
CA ARG A 187 -0.24 -4.52 -32.29
C ARG A 187 -1.52 -3.70 -32.16
N LYS A 188 -1.53 -2.52 -32.76
CA LYS A 188 -2.69 -1.63 -32.69
C LYS A 188 -3.93 -2.27 -33.31
N GLU A 189 -3.77 -3.34 -34.09
CA GLU A 189 -4.91 -3.98 -34.74
C GLU A 189 -5.69 -4.88 -33.80
N SER A 190 -5.10 -5.29 -32.68
CA SER A 190 -5.77 -6.17 -31.72
C SER A 190 -6.53 -5.35 -30.69
N ALA A 191 -7.71 -5.85 -30.31
CA ALA A 191 -8.50 -5.19 -29.27
C ALA A 191 -7.79 -5.15 -27.93
N ALA A 192 -6.78 -6.01 -27.73
CA ALA A 192 -6.02 -6.06 -26.50
C ALA A 192 -4.82 -5.11 -26.51
N TYR A 193 -4.73 -4.25 -27.51
CA TYR A 193 -3.56 -3.40 -27.67
C TYR A 193 -3.32 -2.51 -26.44
N ILE A 194 -2.07 -2.47 -26.00
CA ILE A 194 -1.63 -1.53 -24.96
C ILE A 194 -0.33 -0.91 -25.46
N PRO A 195 -0.23 0.41 -25.58
CA PRO A 195 1.01 1.00 -26.06
C PRO A 195 2.11 0.92 -25.01
N PHE A 196 3.34 1.14 -25.46
CA PHE A 196 4.45 1.24 -24.54
C PHE A 196 4.31 2.50 -23.69
N GLY A 197 4.83 2.43 -22.47
CA GLY A 197 4.65 3.51 -21.51
C GLY A 197 3.34 3.46 -20.74
N GLU A 198 2.42 2.57 -21.09
CA GLU A 198 1.16 2.41 -20.39
C GLU A 198 1.11 1.05 -19.71
N GLY A 199 0.21 0.92 -18.75
CA GLY A 199 0.05 -0.29 -17.99
C GLY A 199 0.50 -0.09 -16.55
N ASP A 200 -0.20 -0.74 -15.62
CA ASP A 200 0.13 -0.71 -14.20
C ASP A 200 0.93 -1.94 -13.79
N PHE A 201 0.41 -3.12 -14.11
CA PHE A 201 1.02 -4.39 -13.74
C PHE A 201 0.81 -5.35 -14.89
N TYR A 202 1.54 -6.46 -14.86
CA TYR A 202 1.24 -7.58 -15.74
C TYR A 202 0.52 -8.65 -14.93
N TYR A 203 -0.77 -8.82 -15.20
CA TYR A 203 -1.59 -9.74 -14.44
C TYR A 203 -1.55 -11.13 -15.07
N HIS A 204 -1.60 -12.14 -14.20
CA HIS A 204 -1.59 -13.53 -14.63
C HIS A 204 -3.01 -14.02 -14.83
N ALA A 205 -3.28 -14.64 -15.98
CA ALA A 205 -4.60 -15.17 -16.27
C ALA A 205 -4.89 -16.48 -15.55
N ALA A 206 -3.93 -17.02 -14.79
CA ALA A 206 -4.16 -18.27 -14.08
C ALA A 206 -5.08 -18.08 -12.89
N ILE A 207 -5.23 -16.87 -12.38
CA ILE A 207 -6.14 -16.58 -11.27
C ILE A 207 -6.77 -15.22 -11.49
N PHE A 208 -8.09 -15.16 -11.47
CA PHE A 208 -8.83 -13.92 -11.32
C PHE A 208 -10.18 -14.24 -10.70
N GLY A 209 -10.79 -13.23 -10.12
CA GLY A 209 -12.04 -13.45 -9.42
C GLY A 209 -12.73 -12.16 -9.09
N GLY A 210 -13.79 -12.28 -8.30
CA GLY A 210 -14.60 -11.13 -7.90
C GLY A 210 -15.99 -11.61 -7.55
N THR A 211 -16.92 -10.66 -7.50
CA THR A 211 -18.32 -11.02 -7.42
C THR A 211 -18.74 -11.63 -8.76
N PRO A 212 -19.78 -12.46 -8.77
CA PRO A 212 -20.28 -12.97 -10.06
C PRO A 212 -20.55 -11.87 -11.07
N THR A 213 -20.99 -10.70 -10.60
CA THR A 213 -21.24 -9.58 -11.51
C THR A 213 -19.96 -9.16 -12.22
N GLN A 214 -18.89 -8.94 -11.46
CA GLN A 214 -17.65 -8.44 -12.06
C GLN A 214 -16.99 -9.52 -12.91
N VAL A 215 -16.99 -10.77 -12.43
CA VAL A 215 -16.40 -11.84 -13.23
C VAL A 215 -17.14 -11.97 -14.55
N LEU A 216 -18.46 -11.77 -14.53
CA LEU A 216 -19.22 -11.78 -15.78
C LEU A 216 -18.72 -10.70 -16.73
N ASN A 217 -18.52 -9.49 -16.22
CA ASN A 217 -18.03 -8.41 -17.06
C ASN A 217 -16.61 -8.68 -17.54
N ILE A 218 -15.76 -9.22 -16.65
CA ILE A 218 -14.40 -9.60 -17.07
C ILE A 218 -14.46 -10.56 -18.25
N THR A 219 -15.22 -11.65 -18.10
CA THR A 219 -15.22 -12.69 -19.12
C THR A 219 -15.97 -12.26 -20.38
N GLN A 220 -17.01 -11.44 -20.22
CA GLN A 220 -17.74 -10.96 -21.39
C GLN A 220 -16.89 -9.99 -22.21
N GLU A 221 -16.22 -9.05 -21.55
CA GLU A 221 -15.41 -8.09 -22.28
C GLU A 221 -14.19 -8.75 -22.91
N CYS A 222 -13.53 -9.65 -22.18
CA CYS A 222 -12.43 -10.39 -22.76
C CYS A 222 -12.90 -11.18 -23.98
N PHE A 223 -14.09 -11.79 -23.91
CA PHE A 223 -14.53 -12.62 -25.02
C PHE A 223 -14.92 -11.78 -26.23
N LYS A 224 -15.51 -10.60 -26.01
CA LYS A 224 -15.78 -9.70 -27.12
C LYS A 224 -14.49 -9.35 -27.85
N GLY A 225 -13.43 -9.03 -27.10
CA GLY A 225 -12.16 -8.72 -27.71
C GLY A 225 -11.56 -9.90 -28.44
N ILE A 226 -11.66 -11.09 -27.85
CA ILE A 226 -11.25 -12.30 -28.54
C ILE A 226 -12.00 -12.44 -29.86
N LEU A 227 -13.32 -12.23 -29.84
CA LEU A 227 -14.12 -12.36 -31.04
C LEU A 227 -13.73 -11.30 -32.07
N LYS A 228 -13.74 -10.03 -31.67
CA LYS A 228 -13.36 -8.98 -32.60
C LYS A 228 -12.00 -9.24 -33.22
N ASP A 229 -11.08 -9.84 -32.46
CA ASP A 229 -9.77 -10.17 -32.99
C ASP A 229 -9.87 -11.27 -34.03
N LYS A 230 -10.63 -12.33 -33.74
CA LYS A 230 -10.74 -13.43 -34.70
C LYS A 230 -11.42 -12.99 -35.98
N LYS A 231 -12.35 -12.03 -35.90
CA LYS A 231 -12.98 -11.49 -37.09
C LYS A 231 -12.03 -10.62 -37.92
N ASN A 232 -10.86 -10.28 -37.38
CA ASN A 232 -9.83 -9.57 -38.13
C ASN A 232 -8.58 -10.43 -38.31
N ASP A 233 -8.74 -11.75 -38.23
CA ASP A 233 -7.65 -12.71 -38.42
C ASP A 233 -6.38 -12.26 -37.69
N ILE A 234 -6.51 -12.11 -36.38
CA ILE A 234 -5.39 -11.82 -35.50
C ILE A 234 -5.67 -12.44 -34.14
N GLU A 235 -4.65 -13.03 -33.54
CA GLU A 235 -4.78 -13.68 -32.24
C GLU A 235 -3.73 -13.08 -31.30
N ALA A 236 -4.20 -12.57 -30.16
CA ALA A 236 -3.33 -11.83 -29.27
C ALA A 236 -2.16 -12.69 -28.79
N GLN A 237 -1.03 -12.03 -28.52
CA GLN A 237 0.21 -12.72 -28.18
C GLN A 237 -0.02 -13.83 -27.16
N TRP A 238 -0.69 -13.49 -26.05
CA TRP A 238 -0.93 -14.44 -24.97
C TRP A 238 -2.41 -14.69 -24.78
N HIS A 239 -3.18 -14.58 -25.86
CA HIS A 239 -4.55 -15.10 -25.94
C HIS A 239 -5.39 -14.42 -24.87
N ASP A 240 -6.13 -15.15 -24.03
CA ASP A 240 -7.02 -14.52 -23.06
C ASP A 240 -6.25 -13.65 -22.07
N GLU A 241 -4.99 -13.99 -21.78
CA GLU A 241 -4.23 -13.18 -20.83
C GLU A 241 -3.93 -11.79 -21.39
N SER A 242 -3.73 -11.68 -22.70
CA SER A 242 -3.55 -10.35 -23.30
C SER A 242 -4.82 -9.52 -23.14
N HIS A 243 -5.98 -10.13 -23.38
CA HIS A 243 -7.23 -9.40 -23.22
C HIS A 243 -7.51 -9.10 -21.75
N LEU A 244 -7.18 -10.03 -20.85
CA LEU A 244 -7.39 -9.78 -19.43
C LEU A 244 -6.59 -8.57 -18.96
N ASN A 245 -5.34 -8.46 -19.42
CA ASN A 245 -4.51 -7.31 -19.04
C ASN A 245 -5.09 -6.01 -19.60
N LYS A 246 -5.61 -6.05 -20.82
CA LYS A 246 -6.28 -4.87 -21.37
C LYS A 246 -7.52 -4.52 -20.55
N TYR A 247 -8.24 -5.54 -20.08
CA TYR A 247 -9.44 -5.28 -19.27
C TYR A 247 -9.06 -4.60 -17.95
N PHE A 248 -8.09 -5.17 -17.23
CA PHE A 248 -7.74 -4.62 -15.93
C PHE A 248 -7.05 -3.27 -16.03
N LEU A 249 -6.41 -2.97 -17.16
CA LEU A 249 -5.94 -1.61 -17.40
C LEU A 249 -7.10 -0.64 -17.48
N LEU A 250 -8.15 -1.01 -18.19
CA LEU A 250 -9.32 -0.14 -18.35
C LEU A 250 -10.20 -0.15 -17.11
N ASN A 251 -10.36 -1.31 -16.48
CA ASN A 251 -11.23 -1.49 -15.32
C ASN A 251 -10.35 -1.98 -14.18
N LYS A 252 -9.88 -1.06 -13.35
CA LYS A 252 -8.88 -1.39 -12.35
C LYS A 252 -9.43 -2.44 -11.39
N PRO A 253 -8.63 -3.45 -11.01
CA PRO A 253 -9.09 -4.38 -9.98
C PRO A 253 -9.13 -3.71 -8.62
N THR A 254 -10.13 -4.08 -7.82
CA THR A 254 -10.26 -3.55 -6.47
C THR A 254 -9.32 -4.24 -5.49
N LYS A 255 -8.69 -5.34 -5.88
CA LYS A 255 -7.76 -6.06 -5.03
C LYS A 255 -6.77 -6.81 -5.93
N ILE A 256 -5.51 -6.83 -5.52
CA ILE A 256 -4.46 -7.52 -6.25
C ILE A 256 -3.75 -8.47 -5.31
N LEU A 257 -3.45 -9.67 -5.80
CA LEU A 257 -2.78 -10.70 -5.02
C LEU A 257 -1.30 -10.73 -5.38
N SER A 258 -0.45 -10.74 -4.35
CA SER A 258 0.98 -10.79 -4.59
C SER A 258 1.36 -12.08 -5.30
N PRO A 259 2.57 -12.15 -5.87
CA PRO A 259 3.04 -13.42 -6.46
C PRO A 259 3.11 -14.56 -5.47
N GLU A 260 3.04 -14.29 -4.16
CA GLU A 260 3.00 -15.37 -3.19
C GLU A 260 1.78 -16.27 -3.41
N TYR A 261 0.70 -15.72 -3.98
CA TYR A 261 -0.52 -16.46 -4.22
C TYR A 261 -0.53 -17.19 -5.55
N CYS A 262 0.57 -17.15 -6.30
CA CYS A 262 0.69 -17.90 -7.55
C CYS A 262 2.15 -17.90 -7.98
N TRP A 263 2.97 -18.70 -7.33
CA TRP A 263 4.41 -18.62 -7.45
C TRP A 263 4.95 -19.72 -8.35
N ASP A 264 6.02 -19.40 -9.08
CA ASP A 264 6.73 -20.34 -9.91
C ASP A 264 8.10 -20.59 -9.28
N TYR A 265 8.27 -21.76 -8.68
CA TYR A 265 9.52 -22.05 -7.98
C TYR A 265 10.72 -22.09 -8.91
N HIS A 266 10.50 -22.26 -10.22
CA HIS A 266 11.59 -22.14 -11.18
C HIS A 266 12.22 -20.75 -11.13
N ILE A 267 11.53 -19.76 -10.56
CA ILE A 267 12.11 -18.45 -10.36
C ILE A 267 13.15 -18.48 -9.25
N GLY A 268 12.94 -19.33 -8.24
CA GLY A 268 13.71 -19.29 -7.00
C GLY A 268 12.81 -19.01 -5.82
N LEU A 269 13.38 -18.41 -4.78
CA LEU A 269 12.64 -18.01 -3.60
C LEU A 269 13.27 -16.76 -2.99
N PRO A 270 13.09 -15.60 -3.63
CA PRO A 270 13.59 -14.35 -3.04
C PRO A 270 12.92 -14.06 -1.70
N ALA A 271 13.52 -13.09 -0.98
CA ALA A 271 12.97 -12.68 0.31
C ALA A 271 11.58 -12.06 0.17
N ASP A 272 11.21 -11.61 -1.02
CA ASP A 272 9.87 -11.06 -1.22
C ASP A 272 8.80 -12.10 -0.93
N ILE A 273 9.08 -13.37 -1.25
CA ILE A 273 8.08 -14.43 -1.17
C ILE A 273 8.20 -15.08 0.20
N LYS A 274 7.35 -14.64 1.14
CA LYS A 274 7.46 -15.10 2.51
C LYS A 274 6.77 -16.45 2.72
N LEU A 275 5.60 -16.64 2.11
CA LEU A 275 4.82 -17.87 2.33
C LEU A 275 3.95 -18.10 1.10
N VAL A 276 4.26 -19.16 0.36
CA VAL A 276 3.57 -19.44 -0.90
C VAL A 276 2.23 -20.09 -0.61
N LYS A 277 1.16 -19.50 -1.13
CA LYS A 277 -0.18 -20.07 -1.02
C LYS A 277 -0.54 -20.96 -2.20
N MET A 278 0.07 -20.75 -3.35
N MET A 278 0.09 -20.75 -3.34
CA MET A 278 -0.19 -21.57 -4.53
CA MET A 278 -0.18 -21.52 -4.54
C MET A 278 1.02 -21.48 -5.45
C MET A 278 1.08 -21.50 -5.39
N SER A 279 1.32 -22.59 -6.12
CA SER A 279 2.50 -22.70 -6.96
C SER A 279 2.12 -23.27 -8.32
N TRP A 280 2.87 -22.85 -9.34
CA TRP A 280 2.68 -23.39 -10.67
C TRP A 280 3.01 -24.88 -10.69
N GLN A 281 2.34 -25.60 -11.59
CA GLN A 281 2.83 -26.89 -12.03
C GLN A 281 3.80 -26.68 -13.19
N THR A 282 4.60 -27.70 -13.47
CA THR A 282 5.58 -27.59 -14.55
C THR A 282 4.87 -27.55 -15.90
N LYS A 283 5.01 -26.44 -16.62
CA LYS A 283 4.41 -26.32 -17.93
C LYS A 283 5.09 -27.29 -18.90
N GLU A 284 4.32 -28.23 -19.45
CA GLU A 284 4.81 -29.20 -20.43
C GLU A 284 3.90 -29.09 -21.66
N TYR A 285 4.14 -28.07 -22.48
CA TYR A 285 3.27 -27.83 -23.63
C TYR A 285 3.32 -29.00 -24.61
N ASN A 286 4.48 -29.63 -24.78
CA ASN A 286 4.64 -30.71 -25.73
C ASN A 286 4.16 -32.05 -25.21
N VAL A 287 3.96 -32.19 -23.89
CA VAL A 287 3.56 -33.45 -23.27
C VAL A 287 2.08 -33.44 -22.91
N VAL A 288 1.66 -32.53 -22.03
CA VAL A 288 0.27 -32.49 -21.61
C VAL A 288 -0.64 -31.83 -22.63
N ARG A 289 -0.08 -30.99 -23.51
CA ARG A 289 -0.87 -30.27 -24.50
C ARG A 289 -0.75 -30.92 -25.87
N LYS B 6 0.22 40.24 21.80
CA LYS B 6 0.74 38.93 21.45
C LYS B 6 -0.34 38.11 20.73
N LEU B 7 0.07 36.99 20.13
CA LEU B 7 -0.81 36.24 19.25
C LEU B 7 -1.77 35.37 20.06
N LYS B 8 -3.06 35.51 19.78
CA LYS B 8 -4.08 34.64 20.32
C LYS B 8 -4.54 33.66 19.26
N LEU B 9 -5.03 32.50 19.70
CA LEU B 9 -5.47 31.48 18.76
C LEU B 9 -6.60 32.00 17.88
N SER B 10 -7.48 32.83 18.43
CA SER B 10 -8.58 33.38 17.65
C SER B 10 -8.10 34.28 16.52
N ASP B 11 -6.91 34.85 16.64
CA ASP B 11 -6.44 35.80 15.64
C ASP B 11 -6.31 35.17 14.27
N TRP B 12 -5.97 33.88 14.20
CA TRP B 12 -5.67 33.23 12.94
C TRP B 12 -6.40 31.91 12.71
N PHE B 13 -6.86 31.23 13.75
CA PHE B 13 -7.43 29.90 13.63
C PHE B 13 -8.93 29.98 13.81
N ASN B 14 -9.67 29.45 12.83
CA ASN B 14 -11.14 29.48 12.83
C ASN B 14 -11.63 28.05 12.64
N PRO B 15 -11.84 27.31 13.73
CA PRO B 15 -12.22 25.89 13.59
C PRO B 15 -13.58 25.68 12.98
N PHE B 16 -14.53 26.61 13.18
CA PHE B 16 -15.87 26.43 12.65
C PHE B 16 -15.89 26.32 11.13
N LYS B 17 -14.83 26.78 10.46
CA LYS B 17 -14.76 26.67 9.01
C LYS B 17 -14.61 25.24 8.52
N ARG B 18 -14.33 24.30 9.42
CA ARG B 18 -14.17 22.88 9.08
C ARG B 18 -14.82 22.05 10.17
N PRO B 19 -16.15 21.91 10.14
CA PRO B 19 -16.86 21.26 11.25
C PRO B 19 -16.86 19.75 11.21
N GLU B 20 -16.51 19.12 10.10
CA GLU B 20 -16.61 17.65 9.99
C GLU B 20 -15.35 16.94 10.46
N VAL B 21 -14.37 17.67 11.01
CA VAL B 21 -13.12 17.07 11.45
C VAL B 21 -12.79 17.57 12.85
N VAL B 22 -11.90 16.83 13.51
CA VAL B 22 -11.33 17.29 14.78
C VAL B 22 -10.46 18.51 14.51
N THR B 23 -10.74 19.61 15.22
CA THR B 23 -9.98 20.83 15.10
C THR B 23 -9.43 21.32 16.43
N MET B 24 -9.91 20.78 17.55
CA MET B 24 -9.40 21.11 18.87
C MET B 24 -9.24 19.82 19.65
N THR B 25 -8.15 19.73 20.40
CA THR B 25 -7.92 18.58 21.26
C THR B 25 -8.48 18.84 22.65
N LYS B 26 -8.52 17.79 23.47
CA LYS B 26 -8.95 17.95 24.85
C LYS B 26 -8.02 18.84 25.66
N TRP B 27 -6.80 19.11 25.17
CA TRP B 27 -5.85 19.98 25.85
C TRP B 27 -5.70 21.33 25.16
N LYS B 28 -6.67 21.71 24.33
CA LYS B 28 -6.79 23.04 23.73
C LYS B 28 -5.79 23.30 22.61
N ALA B 29 -5.13 22.26 22.07
CA ALA B 29 -4.21 22.49 20.96
C ALA B 29 -4.95 22.41 19.63
N PRO B 30 -4.64 23.28 18.67
CA PRO B 30 -5.35 23.25 17.39
C PRO B 30 -4.86 22.14 16.48
N VAL B 31 -5.77 21.64 15.66
CA VAL B 31 -5.47 20.68 14.60
C VAL B 31 -5.70 21.41 13.29
N VAL B 32 -4.62 21.77 12.60
CA VAL B 32 -4.69 22.68 11.47
C VAL B 32 -5.14 21.92 10.23
N TRP B 33 -6.33 22.26 9.75
CA TRP B 33 -6.82 21.80 8.46
C TRP B 33 -6.90 22.99 7.51
N GLU B 34 -6.88 22.69 6.20
CA GLU B 34 -7.09 23.74 5.22
C GLU B 34 -8.39 24.48 5.52
N GLY B 35 -8.37 25.80 5.32
CA GLY B 35 -9.52 26.64 5.58
C GLY B 35 -9.64 27.14 6.99
N THR B 36 -8.98 26.48 7.96
CA THR B 36 -9.09 26.87 9.35
C THR B 36 -8.09 27.95 9.76
N TYR B 37 -7.16 28.32 8.88
CA TYR B 37 -6.08 29.23 9.24
C TYR B 37 -6.07 30.45 8.34
N ASN B 38 -5.69 31.58 8.93
CA ASN B 38 -5.57 32.86 8.22
C ASN B 38 -4.08 33.11 8.00
N ARG B 39 -3.56 32.68 6.85
CA ARG B 39 -2.12 32.73 6.62
C ARG B 39 -1.62 34.17 6.60
N ALA B 40 -2.30 35.05 5.87
CA ALA B 40 -1.85 36.43 5.73
C ALA B 40 -1.65 37.09 7.09
N VAL B 41 -2.57 36.83 8.02
CA VAL B 41 -2.43 37.37 9.38
C VAL B 41 -1.11 36.90 9.98
N LEU B 42 -0.74 35.64 9.76
CA LEU B 42 0.45 35.08 10.38
C LEU B 42 1.72 35.53 9.66
N ASP B 43 1.70 35.57 8.32
CA ASP B 43 2.86 36.04 7.58
C ASP B 43 3.33 37.42 8.05
N ASN B 44 2.39 38.28 8.44
CA ASN B 44 2.76 39.60 8.91
C ASN B 44 3.22 39.58 10.36
N TYR B 45 2.50 38.84 11.21
CA TYR B 45 2.93 38.69 12.60
C TYR B 45 4.37 38.23 12.68
N TYR B 46 4.73 37.20 11.90
CA TYR B 46 6.07 36.63 11.97
C TYR B 46 7.09 37.45 11.18
N ALA B 47 6.67 38.10 10.10
CA ALA B 47 7.57 39.00 9.40
C ALA B 47 8.05 40.12 10.31
N LYS B 48 7.13 40.72 11.06
CA LYS B 48 7.52 41.73 12.04
C LYS B 48 8.43 41.14 13.11
N GLN B 49 8.20 39.89 13.48
CA GLN B 49 9.10 39.19 14.40
C GLN B 49 10.41 38.81 13.75
N LYS B 50 10.50 38.85 12.41
CA LYS B 50 11.70 38.46 11.68
C LYS B 50 12.19 37.09 12.12
N ILE B 51 11.34 36.09 11.89
CA ILE B 51 11.67 34.72 12.27
C ILE B 51 12.44 34.06 11.13
N THR B 52 13.27 33.09 11.50
CA THR B 52 13.88 32.18 10.55
C THR B 52 13.47 30.76 10.91
N VAL B 53 13.27 29.92 9.90
CA VAL B 53 12.80 28.55 10.08
C VAL B 53 13.85 27.60 9.52
N GLY B 54 14.13 26.54 10.27
CA GLY B 54 15.07 25.53 9.82
C GLY B 54 14.36 24.25 9.43
N LEU B 55 15.02 23.44 8.60
CA LEU B 55 14.49 22.15 8.17
C LEU B 55 15.65 21.18 8.05
N THR B 56 15.63 20.12 8.86
CA THR B 56 16.63 19.06 8.76
C THR B 56 16.09 17.95 7.87
N VAL B 57 16.99 17.35 7.10
CA VAL B 57 16.65 16.19 6.27
C VAL B 57 17.87 15.29 6.20
N PHE B 58 17.67 14.00 6.46
CA PHE B 58 18.72 13.00 6.35
C PHE B 58 18.53 12.23 5.05
N ALA B 59 19.62 12.04 4.32
CA ALA B 59 19.60 11.27 3.08
C ALA B 59 20.85 10.40 3.06
N VAL B 60 20.67 9.10 3.29
CA VAL B 60 21.76 8.14 3.35
C VAL B 60 21.51 7.05 2.32
N GLY B 61 22.57 6.62 1.63
CA GLY B 61 22.43 5.57 0.65
C GLY B 61 21.66 6.03 -0.58
N ARG B 62 20.91 5.09 -1.16
CA ARG B 62 20.17 5.35 -2.38
C ARG B 62 19.10 6.43 -2.22
N TYR B 63 18.78 6.82 -0.98
CA TYR B 63 17.78 7.86 -0.77
C TYR B 63 18.23 9.21 -1.32
N ILE B 64 19.55 9.46 -1.36
CA ILE B 64 20.05 10.73 -1.88
C ILE B 64 19.57 10.92 -3.32
N GLU B 65 19.85 9.95 -4.19
CA GLU B 65 19.47 10.08 -5.59
C GLU B 65 17.96 9.95 -5.77
N HIS B 66 17.29 9.16 -4.94
CA HIS B 66 15.88 8.85 -5.16
C HIS B 66 14.98 10.02 -4.77
N TYR B 67 15.23 10.65 -3.61
CA TYR B 67 14.28 11.62 -3.08
C TYR B 67 14.86 12.98 -2.74
N LEU B 68 16.18 13.11 -2.57
CA LEU B 68 16.73 14.36 -2.03
C LEU B 68 16.44 15.53 -2.96
N GLU B 69 16.60 15.35 -4.27
CA GLU B 69 16.37 16.45 -5.20
C GLU B 69 14.91 16.89 -5.18
N GLU B 70 14.00 15.94 -5.32
CA GLU B 70 12.57 16.29 -5.34
C GLU B 70 12.15 16.96 -4.04
N PHE B 71 12.67 16.47 -2.92
CA PHE B 71 12.35 17.09 -1.63
C PHE B 71 12.83 18.54 -1.59
N LEU B 72 14.10 18.76 -1.90
CA LEU B 72 14.67 20.10 -1.78
C LEU B 72 14.01 21.07 -2.76
N THR B 73 13.80 20.65 -4.01
CA THR B 73 13.17 21.52 -4.99
C THR B 73 11.78 21.94 -4.53
N SER B 74 10.98 20.99 -4.07
CA SER B 74 9.62 21.31 -3.65
C SER B 74 9.60 22.11 -2.37
N ALA B 75 10.54 21.84 -1.45
CA ALA B 75 10.64 22.64 -0.24
C ALA B 75 10.99 24.08 -0.58
N ASN B 76 11.95 24.29 -1.48
CA ASN B 76 12.34 25.62 -1.89
C ASN B 76 11.13 26.43 -2.38
N LYS B 77 10.21 25.77 -3.09
CA LYS B 77 9.09 26.46 -3.68
C LYS B 77 7.97 26.72 -2.68
N HIS B 78 7.74 25.81 -1.74
CA HIS B 78 6.56 25.84 -0.90
C HIS B 78 6.80 26.06 0.59
N PHE B 79 8.00 25.78 1.09
CA PHE B 79 8.23 25.79 2.53
C PHE B 79 8.46 27.21 3.02
N MET B 80 7.53 27.71 3.84
CA MET B 80 7.70 28.97 4.57
C MET B 80 8.06 30.13 3.64
N VAL B 81 7.51 30.12 2.43
CA VAL B 81 7.78 31.21 1.49
C VAL B 81 7.45 32.53 2.16
N GLY B 82 8.32 33.51 1.95
CA GLY B 82 8.18 34.83 2.55
C GLY B 82 8.99 35.03 3.81
N HIS B 83 9.75 34.03 4.25
CA HIS B 83 10.56 34.13 5.45
C HIS B 83 11.88 33.39 5.21
N PRO B 84 12.95 33.79 5.90
CA PRO B 84 14.22 33.09 5.72
C PRO B 84 14.13 31.64 6.17
N VAL B 85 14.83 30.77 5.44
CA VAL B 85 14.87 29.34 5.75
C VAL B 85 16.31 28.86 5.60
N ILE B 86 16.69 27.92 6.46
CA ILE B 86 17.98 27.25 6.36
C ILE B 86 17.70 25.75 6.27
N PHE B 87 18.14 25.14 5.17
CA PHE B 87 18.05 23.70 5.01
C PHE B 87 19.30 23.06 5.56
N TYR B 88 19.14 22.21 6.58
CA TYR B 88 20.24 21.45 7.15
C TYR B 88 20.20 20.05 6.55
N ILE B 89 21.29 19.64 5.90
CA ILE B 89 21.32 18.42 5.10
C ILE B 89 22.38 17.49 5.69
N MET B 90 21.94 16.36 6.25
CA MET B 90 22.84 15.30 6.71
C MET B 90 22.91 14.22 5.63
N VAL B 91 24.12 13.93 5.17
CA VAL B 91 24.31 12.92 4.13
C VAL B 91 25.51 12.06 4.49
N ASP B 92 25.47 10.80 4.04
CA ASP B 92 26.61 9.91 4.19
C ASP B 92 27.65 10.16 3.11
N ASP B 93 27.21 10.38 1.87
CA ASP B 93 28.08 10.57 0.72
C ASP B 93 27.82 11.95 0.12
N VAL B 94 28.73 12.90 0.41
CA VAL B 94 28.59 14.26 -0.08
C VAL B 94 28.69 14.30 -1.60
N SER B 95 29.60 13.50 -2.16
CA SER B 95 29.91 13.58 -3.58
C SER B 95 28.72 13.29 -4.48
N ARG B 96 27.70 12.57 -4.00
CA ARG B 96 26.51 12.34 -4.82
C ARG B 96 25.46 13.43 -4.66
N MET B 97 25.81 14.53 -3.99
CA MET B 97 24.86 15.58 -3.68
C MET B 97 24.34 16.27 -4.93
N PRO B 98 23.02 16.29 -5.16
CA PRO B 98 22.47 17.12 -6.24
C PRO B 98 22.53 18.60 -5.89
N LEU B 99 22.98 19.41 -6.85
CA LEU B 99 23.00 20.85 -6.69
C LEU B 99 21.63 21.42 -7.06
N ILE B 100 20.93 21.96 -6.07
CA ILE B 100 19.65 22.62 -6.28
C ILE B 100 19.84 24.11 -6.07
N GLU B 101 19.33 24.91 -6.99
CA GLU B 101 19.38 26.36 -6.86
C GLU B 101 18.26 26.82 -5.94
N LEU B 102 18.62 27.58 -4.91
CA LEU B 102 17.66 28.06 -3.93
C LEU B 102 17.26 29.50 -4.25
N GLY B 103 16.09 29.88 -3.73
CA GLY B 103 15.55 31.19 -3.99
C GLY B 103 15.82 32.16 -2.85
N PRO B 104 15.21 33.34 -2.92
CA PRO B 104 15.54 34.40 -1.96
C PRO B 104 15.28 33.99 -0.52
N LEU B 105 16.24 34.32 0.35
CA LEU B 105 16.17 34.10 1.79
C LEU B 105 16.31 32.63 2.17
N ARG B 106 16.70 31.77 1.23
CA ARG B 106 16.99 30.37 1.51
C ARG B 106 18.49 30.11 1.39
N SER B 107 19.01 29.20 2.23
CA SER B 107 20.40 28.81 2.13
C SER B 107 20.60 27.43 2.75
N PHE B 108 21.81 26.88 2.54
CA PHE B 108 22.14 25.51 2.88
C PHE B 108 23.14 25.44 4.03
N LYS B 109 23.13 24.30 4.72
CA LYS B 109 24.28 23.83 5.48
C LYS B 109 24.31 22.31 5.38
N VAL B 110 25.42 21.76 4.88
CA VAL B 110 25.58 20.32 4.70
C VAL B 110 26.56 19.79 5.74
N PHE B 111 26.23 18.62 6.30
CA PHE B 111 27.08 17.95 7.28
C PHE B 111 27.24 16.50 6.86
N LYS B 112 28.45 15.98 7.00
CA LYS B 112 28.73 14.58 6.69
C LYS B 112 28.57 13.74 7.95
N ILE B 113 27.77 12.68 7.85
CA ILE B 113 27.55 11.76 8.95
C ILE B 113 28.02 10.38 8.54
N LYS B 114 28.37 9.58 9.53
CA LYS B 114 28.74 8.19 9.29
C LYS B 114 27.48 7.34 9.19
N PRO B 115 27.24 6.67 8.05
CA PRO B 115 26.02 5.87 7.93
C PRO B 115 26.06 4.66 8.85
N GLU B 116 24.92 4.33 9.43
CA GLU B 116 24.79 3.15 10.27
C GLU B 116 24.26 1.98 9.46
N LYS B 117 24.46 0.78 9.99
CA LYS B 117 24.37 -0.43 9.18
C LYS B 117 22.95 -0.68 8.69
N ARG B 118 21.99 -0.73 9.59
CA ARG B 118 20.63 -1.14 9.27
C ARG B 118 19.75 0.09 9.05
N TRP B 119 18.75 -0.07 8.18
CA TRP B 119 17.88 1.06 7.85
C TRP B 119 17.05 1.48 9.06
N GLN B 120 16.78 0.55 9.98
CA GLN B 120 16.10 0.92 11.21
C GLN B 120 16.90 1.95 12.00
N ASP B 121 18.22 1.77 12.07
CA ASP B 121 19.06 2.69 12.83
C ASP B 121 19.55 3.87 12.00
N ILE B 122 19.44 3.82 10.67
CA ILE B 122 19.61 5.02 9.87
C ILE B 122 18.56 6.05 10.25
N SER B 123 17.33 5.59 10.51
CA SER B 123 16.24 6.48 10.88
C SER B 123 16.29 6.84 12.36
N MET B 124 16.61 5.86 13.22
CA MET B 124 16.65 6.12 14.65
C MET B 124 17.84 6.97 15.04
N MET B 125 18.96 6.85 14.33
CA MET B 125 20.16 7.61 14.66
C MET B 125 19.99 9.11 14.43
N ARG B 126 18.95 9.52 13.69
CA ARG B 126 18.72 10.95 13.48
C ARG B 126 18.55 11.68 14.80
N MET B 127 17.91 11.04 15.77
CA MET B 127 17.58 11.72 17.02
C MET B 127 18.83 12.24 17.73
N LYS B 128 19.92 11.48 17.68
CA LYS B 128 21.14 11.91 18.36
C LYS B 128 21.81 13.08 17.62
N THR B 129 21.91 12.96 16.29
CA THR B 129 22.59 13.99 15.51
C THR B 129 21.87 15.33 15.64
N ILE B 130 20.54 15.32 15.47
CA ILE B 130 19.76 16.55 15.53
C ILE B 130 20.02 17.30 16.83
N GLY B 131 20.02 16.57 17.95
CA GLY B 131 20.21 17.22 19.23
C GLY B 131 21.56 17.90 19.35
N GLU B 132 22.62 17.22 18.88
CA GLU B 132 23.95 17.82 18.93
C GLU B 132 24.01 19.11 18.11
N HIS B 133 23.38 19.12 16.93
CA HIS B 133 23.42 20.31 16.10
C HIS B 133 22.55 21.44 16.68
N ILE B 134 21.46 21.10 17.37
CA ILE B 134 20.63 22.14 17.98
C ILE B 134 21.42 22.90 19.03
N VAL B 135 22.12 22.18 19.90
CA VAL B 135 22.92 22.83 20.92
C VAL B 135 24.10 23.55 20.29
N ALA B 136 24.71 22.94 19.26
CA ALA B 136 25.92 23.51 18.67
C ALA B 136 25.62 24.81 17.92
N HIS B 137 24.52 24.87 17.16
CA HIS B 137 24.29 26.07 16.37
C HIS B 137 22.82 26.34 16.00
N ILE B 138 22.03 25.30 15.72
CA ILE B 138 20.69 25.56 15.18
C ILE B 138 19.88 26.43 16.12
N GLN B 139 20.05 26.26 17.44
CA GLN B 139 19.26 27.05 18.38
C GLN B 139 19.55 28.54 18.26
N HIS B 140 20.72 28.90 17.72
CA HIS B 140 21.10 30.30 17.52
C HIS B 140 20.82 30.78 16.11
N GLU B 141 20.42 29.89 15.19
CA GLU B 141 20.25 30.24 13.79
C GLU B 141 18.79 30.33 13.35
N VAL B 142 17.85 29.70 14.07
CA VAL B 142 16.46 29.68 13.67
C VAL B 142 15.57 29.80 14.91
N ASP B 143 14.32 30.19 14.67
CA ASP B 143 13.31 30.30 15.71
C ASP B 143 12.41 29.07 15.78
N PHE B 144 12.23 28.37 14.66
CA PHE B 144 11.49 27.12 14.63
C PHE B 144 12.26 26.13 13.78
N LEU B 145 12.03 24.85 14.05
CA LEU B 145 12.77 23.79 13.39
C LEU B 145 11.82 22.65 13.06
N PHE B 146 11.92 22.15 11.83
CA PHE B 146 11.18 20.98 11.40
C PHE B 146 12.15 19.89 11.00
N CYS B 147 11.82 18.66 11.35
CA CYS B 147 12.60 17.49 10.96
C CYS B 147 11.71 16.59 10.11
N MET B 148 12.20 16.22 8.92
CA MET B 148 11.35 15.58 7.93
C MET B 148 12.04 14.40 7.27
N ASP B 149 11.26 13.37 6.97
CA ASP B 149 11.72 12.31 6.08
C ASP B 149 12.00 12.90 4.69
N VAL B 150 12.98 12.31 4.01
CA VAL B 150 13.37 12.82 2.70
C VAL B 150 12.38 12.39 1.62
N ASP B 151 11.72 11.25 1.79
CA ASP B 151 10.85 10.71 0.74
C ASP B 151 9.46 11.36 0.81
N GLN B 152 9.45 12.67 0.62
CA GLN B 152 8.23 13.46 0.62
C GLN B 152 8.36 14.56 -0.42
N VAL B 153 7.23 15.18 -0.74
CA VAL B 153 7.18 16.25 -1.74
C VAL B 153 6.17 17.29 -1.29
N PHE B 154 6.61 18.55 -1.24
CA PHE B 154 5.68 19.63 -0.96
C PHE B 154 4.78 19.87 -2.17
N GLN B 155 3.48 20.04 -1.89
CA GLN B 155 2.48 20.20 -2.94
C GLN B 155 1.84 21.58 -2.95
N ASP B 156 1.95 22.33 -1.87
CA ASP B 156 1.33 23.66 -1.77
C ASP B 156 1.97 24.34 -0.56
N LYS B 157 1.58 25.58 -0.33
CA LYS B 157 2.15 26.37 0.75
C LYS B 157 2.15 25.59 2.07
N PHE B 158 3.36 25.35 2.58
CA PHE B 158 3.59 24.74 3.89
C PHE B 158 4.14 25.88 4.75
N GLY B 159 3.24 26.66 5.35
CA GLY B 159 3.56 27.99 5.81
C GLY B 159 3.54 28.14 7.32
N VAL B 160 3.61 29.39 7.75
CA VAL B 160 3.73 29.73 9.16
C VAL B 160 2.54 29.30 10.00
N GLU B 161 1.47 28.80 9.37
CA GLU B 161 0.38 28.22 10.15
C GLU B 161 0.78 26.93 10.82
N THR B 162 1.85 26.28 10.35
CA THR B 162 2.34 25.05 10.94
C THR B 162 3.28 25.29 12.11
N LEU B 163 3.56 26.54 12.46
CA LEU B 163 4.55 26.85 13.48
C LEU B 163 3.93 26.75 14.88
N GLY B 164 4.74 26.28 15.83
CA GLY B 164 4.31 26.19 17.21
C GLY B 164 5.45 25.68 18.07
N GLU B 165 5.20 25.66 19.37
CA GLU B 165 6.22 25.21 20.32
C GLU B 165 6.63 23.77 20.04
N SER B 166 5.66 22.87 19.92
CA SER B 166 5.89 21.48 19.55
C SER B 166 4.80 21.06 18.59
N VAL B 167 5.20 20.61 17.40
CA VAL B 167 4.27 20.32 16.30
C VAL B 167 4.38 18.84 15.96
N ALA B 168 3.22 18.17 15.90
CA ALA B 168 3.15 16.77 15.51
C ALA B 168 2.29 16.62 14.27
N GLN B 169 2.48 15.51 13.57
CA GLN B 169 1.79 15.23 12.33
C GLN B 169 0.87 14.03 12.50
N LEU B 170 -0.41 14.20 12.14
CA LEU B 170 -1.35 13.09 12.17
C LEU B 170 -1.07 12.14 11.01
N GLN B 171 -0.94 10.86 11.32
CA GLN B 171 -0.73 9.85 10.29
C GLN B 171 -2.02 9.65 9.50
N ALA B 172 -1.92 9.78 8.18
CA ALA B 172 -3.11 9.80 7.33
C ALA B 172 -3.94 8.53 7.50
N TRP B 173 -3.28 7.38 7.66
CA TRP B 173 -4.00 6.11 7.66
C TRP B 173 -4.87 5.90 8.90
N TRP B 174 -4.55 6.57 10.01
CA TRP B 174 -5.13 6.23 11.30
C TRP B 174 -5.93 7.36 11.94
N TYR B 175 -6.15 8.48 11.25
CA TYR B 175 -6.60 9.68 11.95
C TYR B 175 -8.07 9.60 12.37
N LYS B 176 -8.87 8.70 11.78
CA LYS B 176 -10.21 8.43 12.26
C LYS B 176 -10.30 7.17 13.11
N ALA B 177 -9.22 6.38 13.18
CA ALA B 177 -9.29 5.09 13.83
C ALA B 177 -9.35 5.25 15.35
N ASP B 178 -9.50 4.10 16.06
CA ASP B 178 -9.73 4.07 17.48
C ASP B 178 -8.43 3.81 18.24
N PRO B 179 -8.22 4.48 19.38
CA PRO B 179 -6.94 4.32 20.10
C PRO B 179 -6.50 2.88 20.34
N ASN B 180 -7.42 1.98 20.68
CA ASN B 180 -7.03 0.59 20.86
C ASN B 180 -6.62 -0.08 19.55
N ASP B 181 -6.85 0.57 18.41
CA ASP B 181 -6.38 0.05 17.13
C ASP B 181 -5.02 0.61 16.72
N PHE B 182 -4.58 1.70 17.35
CA PHE B 182 -3.28 2.27 17.02
C PHE B 182 -2.19 1.22 17.15
N THR B 183 -1.23 1.26 16.23
CA THR B 183 -0.06 0.39 16.28
C THR B 183 1.02 0.92 17.23
N TYR B 184 0.64 1.42 18.40
CA TYR B 184 1.62 1.73 19.43
C TYR B 184 2.44 0.48 19.74
N GLU B 185 3.62 0.71 20.34
CA GLU B 185 4.35 -0.38 20.96
C GLU B 185 3.61 -0.84 22.21
N ARG B 186 3.31 -2.13 22.29
CA ARG B 186 2.45 -2.67 23.33
C ARG B 186 3.15 -3.62 24.29
N ARG B 187 4.42 -3.94 24.06
CA ARG B 187 5.17 -4.75 25.01
C ARG B 187 5.67 -3.88 26.16
N LYS B 188 5.24 -4.20 27.37
CA LYS B 188 5.65 -3.45 28.55
C LYS B 188 7.17 -3.41 28.73
N GLU B 189 7.91 -4.23 27.99
CA GLU B 189 9.36 -4.27 28.12
C GLU B 189 10.05 -3.12 27.39
N SER B 190 9.34 -2.43 26.49
CA SER B 190 9.93 -1.35 25.71
C SER B 190 9.67 -0.01 26.37
N ALA B 191 10.64 0.90 26.24
CA ALA B 191 10.44 2.27 26.69
C ALA B 191 9.28 2.92 25.93
N ALA B 192 8.99 2.44 24.72
CA ALA B 192 7.94 2.99 23.89
C ALA B 192 6.54 2.50 24.28
N TYR B 193 6.45 1.61 25.28
CA TYR B 193 5.18 1.01 25.66
C TYR B 193 4.09 2.04 25.88
N ILE B 194 2.94 1.81 25.24
CA ILE B 194 1.72 2.55 25.55
C ILE B 194 0.63 1.51 25.79
N PRO B 195 0.02 1.44 26.97
CA PRO B 195 -0.96 0.38 27.23
C PRO B 195 -2.27 0.66 26.51
N PHE B 196 -3.05 -0.41 26.33
CA PHE B 196 -4.40 -0.26 25.83
C PHE B 196 -5.22 0.56 26.81
N GLY B 197 -6.12 1.39 26.28
CA GLY B 197 -6.89 2.32 27.06
C GLY B 197 -6.38 3.74 27.04
N GLU B 198 -5.13 3.95 26.62
CA GLU B 198 -4.52 5.27 26.58
C GLU B 198 -4.16 5.62 25.14
N GLY B 199 -3.96 6.91 24.93
CA GLY B 199 -3.62 7.43 23.61
C GLY B 199 -4.61 8.46 23.09
N ASP B 200 -4.09 9.55 22.53
CA ASP B 200 -4.92 10.58 21.91
C ASP B 200 -4.94 10.46 20.39
N PHE B 201 -3.78 10.26 19.78
CA PHE B 201 -3.67 10.14 18.33
C PHE B 201 -2.49 9.23 18.01
N TYR B 202 -2.41 8.81 16.76
CA TYR B 202 -1.21 8.19 16.23
C TYR B 202 -0.51 9.21 15.34
N TYR B 203 0.68 9.63 15.75
CA TYR B 203 1.44 10.64 15.04
C TYR B 203 2.43 9.99 14.07
N HIS B 204 2.67 10.68 12.96
CA HIS B 204 3.62 10.23 11.95
C HIS B 204 4.99 10.82 12.26
N ALA B 205 6.02 9.96 12.25
CA ALA B 205 7.37 10.42 12.54
C ALA B 205 8.02 11.12 11.35
N ALA B 206 7.34 11.20 10.20
CA ALA B 206 7.94 11.80 9.02
C ALA B 206 7.98 13.31 9.11
N ILE B 207 7.23 13.91 10.02
CA ILE B 207 7.25 15.36 10.23
C ILE B 207 7.05 15.64 11.70
N PHE B 208 8.01 16.31 12.33
CA PHE B 208 7.77 16.93 13.62
C PHE B 208 8.61 18.19 13.70
N GLY B 209 8.26 19.06 14.64
CA GLY B 209 8.93 20.33 14.74
C GLY B 209 8.53 21.06 16.00
N GLY B 210 8.96 22.31 16.05
CA GLY B 210 8.74 23.14 17.22
C GLY B 210 9.86 24.16 17.30
N THR B 211 9.95 24.80 18.47
CA THR B 211 11.13 25.60 18.75
C THR B 211 12.34 24.67 18.86
N PRO B 212 13.54 25.19 18.61
CA PRO B 212 14.73 24.34 18.75
C PRO B 212 14.82 23.64 20.10
N THR B 213 14.37 24.30 21.17
CA THR B 213 14.41 23.67 22.50
C THR B 213 13.48 22.47 22.57
N GLN B 214 12.23 22.64 22.14
CA GLN B 214 11.29 21.53 22.16
C GLN B 214 11.78 20.37 21.30
N VAL B 215 12.35 20.68 20.13
CA VAL B 215 12.86 19.63 19.27
C VAL B 215 14.05 18.93 19.93
N LEU B 216 14.87 19.69 20.64
CA LEU B 216 15.92 19.09 21.46
C LEU B 216 15.33 18.12 22.47
N ASN B 217 14.22 18.51 23.10
CA ASN B 217 13.55 17.61 24.04
C ASN B 217 13.03 16.36 23.35
N ILE B 218 12.31 16.53 22.23
CA ILE B 218 11.77 15.39 21.51
C ILE B 218 12.87 14.39 21.20
N THR B 219 13.94 14.86 20.56
CA THR B 219 14.96 13.95 20.05
C THR B 219 15.74 13.29 21.17
N GLN B 220 16.00 14.02 22.26
CA GLN B 220 16.78 13.45 23.35
C GLN B 220 15.99 12.40 24.11
N GLU B 221 14.72 12.67 24.41
CA GLU B 221 13.88 11.67 25.05
C GLU B 221 13.71 10.45 24.15
N CYS B 222 13.50 10.67 22.84
CA CYS B 222 13.37 9.55 21.93
C CYS B 222 14.66 8.75 21.84
N PHE B 223 15.81 9.44 21.78
CA PHE B 223 17.09 8.73 21.75
C PHE B 223 17.30 7.93 23.03
N LYS B 224 16.89 8.48 24.16
CA LYS B 224 17.02 7.75 25.43
C LYS B 224 16.25 6.44 25.40
N GLY B 225 14.97 6.49 25.00
CA GLY B 225 14.19 5.28 24.93
C GLY B 225 14.77 4.26 23.97
N ILE B 226 15.19 4.73 22.79
CA ILE B 226 15.82 3.84 21.81
C ILE B 226 16.99 3.12 22.45
N LEU B 227 17.84 3.86 23.18
CA LEU B 227 19.02 3.25 23.77
C LEU B 227 18.65 2.31 24.90
N LYS B 228 17.65 2.68 25.70
CA LYS B 228 17.19 1.80 26.77
C LYS B 228 16.67 0.50 26.22
N ASP B 229 15.91 0.56 25.11
CA ASP B 229 15.47 -0.66 24.44
C ASP B 229 16.65 -1.42 23.87
N LYS B 230 17.65 -0.70 23.34
CA LYS B 230 18.83 -1.37 22.80
C LYS B 230 19.56 -2.19 23.86
N LYS B 231 19.78 -1.60 25.04
CA LYS B 231 20.46 -2.34 26.10
C LYS B 231 19.63 -3.53 26.56
N ASN B 232 18.31 -3.45 26.45
CA ASN B 232 17.44 -4.56 26.79
C ASN B 232 17.19 -5.50 25.63
N ASP B 233 17.82 -5.25 24.47
CA ASP B 233 17.68 -6.12 23.30
C ASP B 233 16.22 -6.28 22.90
N ILE B 234 15.54 -5.15 22.75
CA ILE B 234 14.19 -5.10 22.23
C ILE B 234 14.13 -3.91 21.28
N GLU B 235 13.45 -4.07 20.15
CA GLU B 235 13.26 -2.98 19.21
C GLU B 235 11.78 -2.75 19.01
N ALA B 236 11.34 -1.52 19.25
CA ALA B 236 9.92 -1.19 19.14
C ALA B 236 9.43 -1.47 17.72
N GLN B 237 8.16 -1.85 17.62
CA GLN B 237 7.61 -2.34 16.35
C GLN B 237 7.86 -1.36 15.22
N TRP B 238 7.58 -0.07 15.45
CA TRP B 238 7.70 0.95 14.42
C TRP B 238 8.84 1.92 14.72
N HIS B 239 9.83 1.44 15.46
CA HIS B 239 11.11 2.13 15.56
C HIS B 239 10.94 3.50 16.18
N ASP B 240 11.65 4.51 15.69
CA ASP B 240 11.57 5.82 16.33
C ASP B 240 10.14 6.38 16.35
N GLU B 241 9.27 5.95 15.44
CA GLU B 241 7.89 6.42 15.48
C GLU B 241 7.17 5.93 16.73
N SER B 242 7.43 4.68 17.15
CA SER B 242 6.86 4.19 18.39
C SER B 242 7.28 5.05 19.57
N HIS B 243 8.55 5.48 19.58
CA HIS B 243 9.03 6.34 20.66
C HIS B 243 8.46 7.75 20.55
N LEU B 244 8.35 8.27 19.34
CA LEU B 244 7.77 9.61 19.17
C LEU B 244 6.34 9.66 19.69
N ASN B 245 5.56 8.61 19.43
CA ASN B 245 4.20 8.56 19.92
C ASN B 245 4.16 8.49 21.44
N LYS B 246 5.04 7.69 22.04
CA LYS B 246 5.18 7.68 23.50
C LYS B 246 5.50 9.07 24.01
N TYR B 247 6.44 9.76 23.36
CA TYR B 247 6.79 11.11 23.80
C TYR B 247 5.59 12.04 23.74
N PHE B 248 4.91 12.08 22.59
CA PHE B 248 3.79 13.01 22.42
C PHE B 248 2.59 12.62 23.28
N LEU B 249 2.50 11.36 23.72
CA LEU B 249 1.46 11.01 24.68
C LEU B 249 1.73 11.68 26.02
N LEU B 250 2.99 11.71 26.45
CA LEU B 250 3.34 12.28 27.75
C LEU B 250 3.59 13.78 27.69
N ASN B 251 3.94 14.32 26.53
CA ASN B 251 4.20 15.75 26.34
C ASN B 251 3.37 16.18 25.14
N LYS B 252 2.12 16.57 25.40
CA LYS B 252 1.18 16.79 24.32
C LYS B 252 1.71 17.85 23.36
N PRO B 253 1.53 17.68 22.05
CA PRO B 253 1.90 18.75 21.12
C PRO B 253 1.00 19.96 21.28
N THR B 254 1.60 21.15 21.11
CA THR B 254 0.82 22.39 21.14
C THR B 254 0.14 22.69 19.82
N LYS B 255 0.45 21.93 18.77
CA LYS B 255 -0.21 22.08 17.49
C LYS B 255 -0.06 20.76 16.73
N ILE B 256 -1.12 20.38 16.02
CA ILE B 256 -1.15 19.16 15.24
C ILE B 256 -1.51 19.51 13.80
N LEU B 257 -0.83 18.86 12.86
CA LEU B 257 -1.10 19.06 11.44
C LEU B 257 -2.01 17.94 10.95
N SER B 258 -3.10 18.32 10.29
CA SER B 258 -4.00 17.33 9.72
C SER B 258 -3.27 16.51 8.68
N PRO B 259 -3.80 15.37 8.26
CA PRO B 259 -3.17 14.60 7.17
C PRO B 259 -3.04 15.39 5.87
N GLU B 260 -3.72 16.54 5.74
CA GLU B 260 -3.51 17.39 4.58
C GLU B 260 -2.05 17.83 4.46
N TYR B 261 -1.34 17.92 5.58
CA TYR B 261 0.05 18.33 5.59
C TYR B 261 1.02 17.18 5.42
N CYS B 262 0.54 15.94 5.41
CA CYS B 262 1.38 14.78 5.15
C CYS B 262 0.51 13.66 4.64
N TRP B 263 0.06 13.77 3.39
CA TRP B 263 -1.01 12.95 2.86
C TRP B 263 -0.48 11.80 2.03
N ASP B 264 -1.25 10.71 2.00
CA ASP B 264 -0.95 9.54 1.18
C ASP B 264 -2.01 9.44 0.10
N TYR B 265 -1.60 9.72 -1.14
CA TYR B 265 -2.55 9.68 -2.26
C TYR B 265 -2.99 8.27 -2.61
N HIS B 266 -2.31 7.24 -2.11
CA HIS B 266 -2.81 5.88 -2.28
C HIS B 266 -4.16 5.71 -1.60
N ILE B 267 -4.36 6.35 -0.44
CA ILE B 267 -5.66 6.31 0.21
C ILE B 267 -6.73 6.92 -0.68
N GLY B 268 -6.35 7.88 -1.52
CA GLY B 268 -7.29 8.61 -2.36
C GLY B 268 -7.24 10.09 -2.08
N LEU B 269 -8.40 10.74 -2.18
CA LEU B 269 -8.55 12.16 -1.87
C LEU B 269 -9.95 12.39 -1.32
N PRO B 270 -10.21 11.95 -0.09
CA PRO B 270 -11.59 12.02 0.44
C PRO B 270 -12.02 13.46 0.72
N ALA B 271 -13.24 13.60 1.24
CA ALA B 271 -13.81 14.94 1.42
C ALA B 271 -13.08 15.73 2.50
N ASP B 272 -12.49 15.05 3.50
CA ASP B 272 -11.78 15.74 4.56
C ASP B 272 -10.49 16.40 4.07
N ILE B 273 -9.94 15.94 2.96
CA ILE B 273 -8.66 16.44 2.46
C ILE B 273 -8.99 17.54 1.46
N LYS B 274 -9.08 18.77 1.97
CA LYS B 274 -9.44 19.91 1.13
C LYS B 274 -8.28 20.33 0.24
N LEU B 275 -7.14 20.65 0.85
CA LEU B 275 -5.96 21.05 0.09
C LEU B 275 -4.74 20.34 0.65
N VAL B 276 -4.04 19.61 -0.20
CA VAL B 276 -2.85 18.85 0.21
C VAL B 276 -1.65 19.80 0.19
N LYS B 277 -0.98 19.93 1.33
CA LYS B 277 0.23 20.72 1.42
C LYS B 277 1.49 19.89 1.17
N MET B 278 1.42 18.58 1.41
CA MET B 278 2.58 17.72 1.23
C MET B 278 2.10 16.27 1.20
N SER B 279 2.72 15.47 0.32
CA SER B 279 2.34 14.08 0.15
C SER B 279 3.58 13.20 0.12
N TRP B 280 3.38 11.90 0.34
CA TRP B 280 4.48 10.96 0.38
C TRP B 280 4.94 10.61 -1.03
N GLN B 281 6.24 10.40 -1.18
CA GLN B 281 6.76 9.97 -2.49
C GLN B 281 6.46 8.50 -2.70
N THR B 282 6.36 8.12 -3.97
CA THR B 282 6.10 6.73 -4.34
C THR B 282 7.40 5.93 -4.33
#